data_4JLX
#
_entry.id   4JLX
#
_cell.length_a   47.402
_cell.length_b   118.014
_cell.length_c   142.599
_cell.angle_alpha   90.00
_cell.angle_beta   90.00
_cell.angle_gamma   90.00
#
_symmetry.space_group_name_H-M   'C 2 2 21'
#
loop_
_entity.id
_entity.type
_entity.pdbx_description
1 polymer 'Uncharacterized protein'
2 non-polymer 'ZINC ION'
3 non-polymer 'MALONATE ION'
4 non-polymer GLYCEROL
5 non-polymer 'TETRAETHYLENE GLYCOL'
6 water water
#
_entity_poly.entity_id   1
_entity_poly.type   'polypeptide(L)'
_entity_poly.pdbx_seq_one_letter_code
;GAMGAWKLQTVLEKVRLSRHEISEAAEVVNWVVEHLLRRLQGGESEFKGVALLRTGSYYERVKISAPNEFDVMFKLEVPR
IQLEEYCNSGAHYFVKFKRNPGGNPLEQFLEKEILSASKMLSKFRKIIKEEIKNIEDTGVTVERKRRGSPAVTLLISKPK
EISVDIILALESKSSWPASTQKGLPISQWLGAKVKNNLKRQPFYLVPKHAKEGSGFQEETWRLSFSHIEKDILKNHGQSK
TCCEIDGVKCCRKECLKLMKYLLEQLKKKFGNRRELAKFCSYHVKTAFFHVCTQDPHDNQWHLKNLECCFDNCVAYFLQC
LKTEQLANYFIPGVNLFSRDLIDKPSKEFLSKQIEYERNNGFPVFW
;
_entity_poly.pdbx_strand_id   A
#
loop_
_chem_comp.id
_chem_comp.type
_chem_comp.name
_chem_comp.formula
GOL non-polymer GLYCEROL 'C3 H8 O3'
MLI non-polymer 'MALONATE ION' 'C3 H2 O4 -2'
PG4 non-polymer 'TETRAETHYLENE GLYCOL' 'C8 H18 O5'
ZN non-polymer 'ZINC ION' 'Zn 2'
#
# COMPACT_ATOMS: atom_id res chain seq x y z
N GLY A 4 -4.61 -2.82 -31.59
CA GLY A 4 -3.16 -2.79 -31.53
C GLY A 4 -2.55 -1.41 -31.71
N ALA A 5 -3.39 -0.40 -31.95
CA ALA A 5 -2.91 0.96 -32.25
C ALA A 5 -2.03 1.59 -31.16
N TRP A 6 -2.31 1.24 -29.90
CA TRP A 6 -1.56 1.77 -28.76
C TRP A 6 -0.32 0.92 -28.44
N LYS A 7 -0.26 -0.27 -29.05
CA LYS A 7 0.86 -1.20 -28.87
C LYS A 7 1.15 -1.48 -27.39
N LEU A 8 0.09 -1.72 -26.61
CA LEU A 8 0.21 -1.89 -25.17
C LEU A 8 1.11 -3.06 -24.78
N GLN A 9 1.12 -4.12 -25.59
CA GLN A 9 1.97 -5.25 -25.29
C GLN A 9 3.43 -4.82 -25.33
N THR A 10 3.77 -3.94 -26.27
CA THR A 10 5.13 -3.43 -26.31
C THR A 10 5.41 -2.61 -25.04
N VAL A 11 4.42 -1.81 -24.62
CA VAL A 11 4.60 -1.03 -23.39
C VAL A 11 4.82 -1.98 -22.19
N LEU A 12 4.05 -3.06 -22.11
CA LEU A 12 4.23 -4.04 -21.05
C LEU A 12 5.63 -4.64 -21.08
N GLU A 13 6.16 -4.89 -22.28
CA GLU A 13 7.53 -5.44 -22.38
C GLU A 13 8.52 -4.43 -21.84
N LYS A 14 8.34 -3.17 -22.21
CA LYS A 14 9.18 -2.12 -21.69
C LYS A 14 9.18 -2.12 -20.17
N VAL A 15 7.99 -2.25 -19.58
CA VAL A 15 7.85 -2.23 -18.13
C VAL A 15 8.51 -3.44 -17.49
N ARG A 16 8.32 -4.62 -18.03
CA ARG A 16 9.00 -5.80 -17.55
C ARG A 16 10.52 -5.67 -17.58
N LEU A 17 11.04 -5.12 -18.66
CA LEU A 17 12.47 -5.03 -18.82
C LEU A 17 12.98 -3.99 -17.85
N SER A 18 13.53 -4.45 -16.74
CA SER A 18 13.62 -3.68 -15.49
C SER A 18 13.45 -4.60 -14.31
N ARG A 19 12.63 -5.60 -14.51
CA ARG A 19 12.46 -6.66 -13.51
C ARG A 19 13.74 -7.42 -13.12
N HIS A 20 14.80 -7.31 -13.91
CA HIS A 20 15.99 -8.10 -13.62
C HIS A 20 16.86 -7.55 -12.48
N GLU A 21 17.15 -6.25 -12.53
CA GLU A 21 17.99 -5.60 -11.52
C GLU A 21 17.40 -5.70 -10.11
N ILE A 22 16.12 -5.39 -9.99
CA ILE A 22 15.42 -5.45 -8.71
C ILE A 22 15.35 -6.89 -8.16
N SER A 23 15.37 -7.88 -9.05
CA SER A 23 15.38 -9.28 -8.64
C SER A 23 16.65 -9.61 -7.87
N GLU A 24 17.73 -8.87 -8.11
CA GLU A 24 18.97 -9.15 -7.41
C GLU A 24 19.12 -8.31 -6.17
N ALA A 25 18.43 -7.20 -6.16
CA ALA A 25 18.41 -6.41 -4.93
C ALA A 25 17.67 -7.15 -3.81
N ALA A 26 16.80 -8.08 -4.20
CA ALA A 26 16.07 -8.92 -3.25
C ALA A 26 17.00 -9.70 -2.34
N GLU A 27 17.98 -10.37 -2.93
CA GLU A 27 19.03 -11.06 -2.19
C GLU A 27 19.64 -10.17 -1.10
N VAL A 28 19.86 -8.91 -1.44
CA VAL A 28 20.50 -7.96 -0.53
C VAL A 28 19.57 -7.57 0.61
N VAL A 29 18.35 -7.14 0.27
CA VAL A 29 17.34 -6.83 1.28
C VAL A 29 17.04 -8.05 2.15
N ASN A 30 16.84 -9.20 1.50
CA ASN A 30 16.60 -10.46 2.21
C ASN A 30 17.69 -10.73 3.25
N TRP A 31 18.94 -10.54 2.85
CA TRP A 31 20.05 -10.80 3.74
C TRP A 31 19.97 -9.91 4.99
N VAL A 32 20.02 -8.59 4.77
CA VAL A 32 19.98 -7.61 5.85
C VAL A 32 18.75 -7.78 6.77
N VAL A 33 17.57 -7.67 6.18
CA VAL A 33 16.33 -7.67 6.94
C VAL A 33 16.19 -8.90 7.84
N GLU A 34 16.35 -10.09 7.26
CA GLU A 34 16.21 -11.33 8.01
C GLU A 34 17.16 -11.40 9.21
N HIS A 35 18.38 -10.90 9.03
CA HIS A 35 19.32 -10.82 10.15
C HIS A 35 18.76 -9.97 11.28
N LEU A 36 18.41 -8.73 10.95
CA LEU A 36 17.86 -7.76 11.89
C LEU A 36 16.70 -8.34 12.67
N LEU A 37 15.89 -9.16 11.98
CA LEU A 37 14.75 -9.83 12.59
C LEU A 37 15.21 -10.80 13.67
N ARG A 38 16.17 -11.65 13.30
CA ARG A 38 16.75 -12.62 14.22
C ARG A 38 17.28 -11.92 15.46
N ARG A 39 17.97 -10.80 15.25
CA ARG A 39 18.49 -9.96 16.31
C ARG A 39 17.42 -9.50 17.31
N LEU A 40 16.39 -8.81 16.81
CA LEU A 40 15.27 -8.36 17.64
C LEU A 40 14.63 -9.54 18.38
N GLN A 41 14.37 -10.62 17.64
CA GLN A 41 13.70 -11.79 18.20
C GLN A 41 14.51 -12.44 19.33
N GLY A 42 15.84 -12.29 19.28
CA GLY A 42 16.70 -12.88 20.27
C GLY A 42 17.00 -11.95 21.43
N GLY A 43 16.91 -10.64 21.17
CA GLY A 43 17.15 -9.66 22.21
C GLY A 43 16.07 -9.68 23.29
N GLU A 44 16.06 -8.63 24.10
CA GLU A 44 15.10 -8.54 25.20
C GLU A 44 14.32 -7.23 25.18
N SER A 45 14.18 -6.64 23.99
CA SER A 45 13.40 -5.42 23.84
C SER A 45 11.91 -5.73 23.78
N GLU A 46 11.12 -4.66 23.75
CA GLU A 46 9.67 -4.75 23.67
C GLU A 46 9.26 -5.23 22.28
N PHE A 47 10.22 -5.24 21.35
CA PHE A 47 9.97 -5.69 19.97
C PHE A 47 10.42 -7.14 19.73
N LYS A 48 10.53 -7.91 20.81
CA LYS A 48 10.91 -9.31 20.75
C LYS A 48 10.01 -10.12 19.82
N GLY A 49 8.70 -9.89 19.92
CA GLY A 49 7.71 -10.65 19.19
C GLY A 49 7.55 -10.23 17.73
N VAL A 50 8.46 -9.41 17.26
CA VAL A 50 8.41 -8.91 15.89
C VAL A 50 8.53 -10.04 14.87
N ALA A 51 7.84 -9.91 13.74
CA ALA A 51 7.92 -10.89 12.65
C ALA A 51 7.74 -10.21 11.30
N LEU A 52 8.06 -10.91 10.22
CA LEU A 52 7.98 -10.32 8.89
C LEU A 52 6.57 -10.43 8.26
N LEU A 53 6.24 -9.44 7.44
CA LEU A 53 4.98 -9.39 6.70
C LEU A 53 5.34 -9.27 5.22
N ARG A 54 5.01 -10.28 4.40
CA ARG A 54 5.30 -10.18 2.96
C ARG A 54 4.16 -9.52 2.15
N THR A 55 4.16 -8.19 2.11
CA THR A 55 3.17 -7.42 1.36
C THR A 55 3.85 -6.36 0.50
N GLY A 56 3.12 -5.82 -0.47
CA GLY A 56 3.65 -4.83 -1.39
C GLY A 56 3.68 -5.30 -2.83
N SER A 65 9.26 -0.41 -12.10
CA SER A 65 9.20 0.47 -10.94
C SER A 65 10.55 1.12 -10.68
N ALA A 66 10.80 1.49 -9.42
CA ALA A 66 12.09 2.03 -9.01
C ALA A 66 12.84 1.01 -8.17
N PRO A 67 13.94 0.44 -8.71
CA PRO A 67 14.62 -0.74 -8.18
C PRO A 67 15.57 -0.48 -6.99
N ASN A 68 15.85 0.78 -6.69
CA ASN A 68 16.74 1.12 -5.59
C ASN A 68 15.98 1.44 -4.30
N GLU A 69 14.65 1.34 -4.36
CA GLU A 69 13.80 1.70 -3.23
C GLU A 69 12.76 0.61 -2.92
N PHE A 70 12.93 -0.01 -1.75
CA PHE A 70 11.95 -0.97 -1.25
C PHE A 70 11.54 -0.59 0.16
N ASP A 71 10.38 -1.08 0.59
CA ASP A 71 10.01 -0.98 1.99
C ASP A 71 9.45 -2.32 2.46
N VAL A 72 9.60 -2.60 3.75
CA VAL A 72 9.09 -3.85 4.31
C VAL A 72 8.38 -3.57 5.63
N MET A 73 7.50 -4.48 6.03
CA MET A 73 6.71 -4.31 7.24
C MET A 73 7.09 -5.35 8.30
N PHE A 74 7.39 -4.87 9.51
CA PHE A 74 7.59 -5.73 10.67
C PHE A 74 6.30 -5.68 11.48
N LYS A 75 5.60 -6.79 11.58
CA LYS A 75 4.36 -6.79 12.35
C LYS A 75 4.63 -7.18 13.79
N LEU A 76 3.75 -6.75 14.67
CA LEU A 76 3.87 -7.05 16.09
C LEU A 76 2.48 -7.38 16.62
N GLU A 77 2.24 -8.67 16.90
CA GLU A 77 0.97 -9.10 17.46
C GLU A 77 0.79 -8.36 18.76
N VAL A 78 -0.41 -7.86 18.97
CA VAL A 78 -0.74 -7.24 20.23
C VAL A 78 -2.22 -7.49 20.51
N PRO A 79 -2.51 -8.18 21.62
CA PRO A 79 -3.89 -8.62 21.88
C PRO A 79 -4.69 -7.57 22.65
N ARG A 80 -6.02 -7.75 22.64
CA ARG A 80 -6.93 -6.83 23.32
C ARG A 80 -6.85 -5.38 22.82
N ILE A 81 -6.36 -5.18 21.59
CA ILE A 81 -6.32 -3.85 21.01
C ILE A 81 -7.73 -3.26 21.00
N GLN A 82 -7.85 -2.03 21.47
CA GLN A 82 -9.09 -1.29 21.33
C GLN A 82 -8.80 -0.05 20.53
N LEU A 83 -9.75 0.32 19.68
CA LEU A 83 -9.53 1.39 18.73
C LEU A 83 -10.51 2.52 18.98
N GLU A 84 -10.01 3.74 18.96
CA GLU A 84 -10.88 4.89 19.00
C GLU A 84 -10.65 5.70 17.74
N GLU A 85 -11.71 5.90 16.96
CA GLU A 85 -11.65 6.66 15.73
C GLU A 85 -11.17 8.07 15.97
N TYR A 86 -10.17 8.50 15.20
CA TYR A 86 -9.67 9.87 15.29
C TYR A 86 -10.48 10.85 14.42
N CYS A 87 -11.10 11.82 15.07
CA CYS A 87 -11.92 12.80 14.37
C CYS A 87 -12.82 12.20 13.30
N ASN A 88 -13.58 11.19 13.66
CA ASN A 88 -14.60 10.60 12.83
C ASN A 88 -14.06 10.18 11.47
N SER A 89 -12.75 10.09 11.38
CA SER A 89 -12.09 9.61 10.18
C SER A 89 -12.05 8.08 10.27
N GLY A 90 -12.58 7.42 9.26
CA GLY A 90 -12.63 5.97 9.27
C GLY A 90 -11.27 5.31 9.21
N ALA A 91 -10.23 6.06 8.86
CA ALA A 91 -8.92 5.45 8.63
C ALA A 91 -7.97 5.62 9.82
N HIS A 92 -8.01 6.77 10.49
CA HIS A 92 -7.08 6.99 11.60
C HIS A 92 -7.68 6.68 12.96
N TYR A 93 -6.88 6.07 13.82
CA TYR A 93 -7.36 5.56 15.09
C TYR A 93 -6.33 5.77 16.19
N PHE A 94 -6.83 6.01 17.40
CA PHE A 94 -6.02 5.87 18.60
C PHE A 94 -6.07 4.40 19.01
N VAL A 95 -4.92 3.85 19.37
CA VAL A 95 -4.88 2.48 19.86
C VAL A 95 -4.80 2.52 21.39
N LYS A 96 -5.66 1.75 22.06
CA LYS A 96 -5.64 1.71 23.52
C LYS A 96 -5.73 0.30 24.11
N PHE A 97 -5.39 0.20 25.40
CA PHE A 97 -5.57 -1.05 26.15
C PHE A 97 -6.18 -0.79 27.51
N LYS A 98 -7.07 -1.69 27.92
CA LYS A 98 -7.46 -1.76 29.33
C LYS A 98 -6.29 -2.38 30.10
N ARG A 99 -6.41 -2.45 31.42
CA ARG A 99 -5.36 -3.02 32.25
C ARG A 99 -5.22 -4.53 32.08
N ASN A 100 -4.03 -4.98 31.71
CA ASN A 100 -3.70 -6.40 31.79
C ASN A 100 -3.03 -6.67 33.13
N PRO A 101 -3.50 -7.70 33.86
CA PRO A 101 -2.89 -8.06 35.13
C PRO A 101 -1.43 -8.45 34.90
N GLY A 102 -1.16 -9.17 33.81
CA GLY A 102 0.22 -9.41 33.43
C GLY A 102 0.81 -8.12 32.92
N GLY A 103 1.99 -8.18 32.33
CA GLY A 103 2.52 -7.00 31.68
C GLY A 103 2.06 -6.92 30.23
N ASN A 104 1.81 -5.70 29.78
CA ASN A 104 1.73 -5.42 28.34
C ASN A 104 3.16 -5.10 27.95
N PRO A 105 3.70 -5.79 26.94
CA PRO A 105 5.09 -5.50 26.55
C PRO A 105 5.26 -4.06 26.04
N LEU A 106 4.14 -3.41 25.76
CA LEU A 106 4.12 -2.04 25.26
C LEU A 106 3.70 -1.04 26.34
N GLU A 107 3.58 -1.52 27.58
CA GLU A 107 3.11 -0.70 28.69
C GLU A 107 3.92 0.58 28.87
N GLN A 108 5.20 0.55 28.55
CA GLN A 108 6.03 1.74 28.72
C GLN A 108 5.77 2.82 27.67
N PHE A 109 4.94 2.50 26.67
CA PHE A 109 4.58 3.48 25.63
C PHE A 109 3.20 4.08 25.88
N LEU A 110 2.50 3.59 26.88
CA LEU A 110 1.15 4.08 27.14
C LEU A 110 1.17 5.36 27.98
N GLU A 111 0.25 6.27 27.68
CA GLU A 111 -0.16 7.31 28.60
C GLU A 111 -1.57 7.07 29.02
N LYS A 112 -1.73 6.62 30.24
CA LYS A 112 -2.96 5.98 30.61
C LYS A 112 -3.26 4.85 29.64
N GLU A 113 -4.45 4.80 29.08
CA GLU A 113 -4.89 3.61 28.38
C GLU A 113 -4.39 3.59 26.95
N ILE A 114 -3.91 4.72 26.47
CA ILE A 114 -3.70 4.86 25.03
C ILE A 114 -2.23 4.84 24.60
N LEU A 115 -2.00 4.18 23.47
CA LEU A 115 -0.66 3.92 22.96
C LEU A 115 -0.06 5.10 22.21
N SER A 116 1.11 5.55 22.64
CA SER A 116 1.83 6.57 21.90
C SER A 116 2.63 5.98 20.74
N ALA A 117 2.15 6.21 19.52
CA ALA A 117 2.90 5.84 18.32
C ALA A 117 4.28 6.47 18.30
N SER A 118 4.39 7.71 18.78
CA SER A 118 5.67 8.44 18.70
C SER A 118 6.72 7.83 19.64
N LYS A 119 6.35 7.62 20.90
CA LYS A 119 7.26 7.00 21.87
C LYS A 119 7.64 5.58 21.45
N MET A 120 6.70 4.88 20.84
CA MET A 120 6.96 3.52 20.35
C MET A 120 7.90 3.51 19.16
N LEU A 121 7.67 4.42 18.21
CA LEU A 121 8.52 4.52 17.02
C LEU A 121 9.92 4.99 17.39
N SER A 122 9.98 5.93 18.33
CA SER A 122 11.24 6.46 18.81
C SER A 122 12.09 5.33 19.38
N LYS A 123 11.45 4.49 20.19
CA LYS A 123 12.13 3.34 20.79
C LYS A 123 12.54 2.34 19.72
N PHE A 124 11.62 2.08 18.78
CA PHE A 124 11.85 1.15 17.67
C PHE A 124 13.08 1.55 16.88
N ARG A 125 13.16 2.83 16.54
CA ARG A 125 14.29 3.36 15.79
C ARG A 125 15.58 3.22 16.59
N LYS A 126 15.49 3.52 17.89
CA LYS A 126 16.62 3.39 18.79
C LYS A 126 17.25 1.99 18.75
N ILE A 127 16.44 0.95 18.95
CA ILE A 127 17.02 -0.38 19.05
C ILE A 127 17.42 -1.03 17.71
N ILE A 128 16.85 -0.59 16.59
CA ILE A 128 17.38 -1.08 15.31
C ILE A 128 18.75 -0.47 15.08
N LYS A 129 18.91 0.81 15.42
CA LYS A 129 20.20 1.47 15.36
C LYS A 129 21.25 0.70 16.13
N GLU A 130 20.88 0.23 17.32
CA GLU A 130 21.79 -0.52 18.17
C GLU A 130 22.06 -1.91 17.63
N GLU A 131 21.16 -2.40 16.78
CA GLU A 131 21.31 -3.75 16.22
C GLU A 131 21.88 -3.75 14.81
N ILE A 132 22.16 -2.57 14.26
CA ILE A 132 22.75 -2.45 12.92
C ILE A 132 24.23 -2.86 12.93
N LYS A 133 24.81 -2.99 14.14
CA LYS A 133 26.18 -3.49 14.29
C LYS A 133 26.46 -4.73 13.44
N ASN A 134 27.32 -4.52 12.43
CA ASN A 134 27.64 -5.48 11.37
C ASN A 134 27.13 -6.91 11.53
N THR A 138 28.80 -5.27 7.89
CA THR A 138 28.18 -3.96 7.71
C THR A 138 28.03 -3.60 6.23
N GLY A 139 28.21 -2.31 5.91
CA GLY A 139 27.94 -1.82 4.57
C GLY A 139 26.51 -1.32 4.51
N VAL A 140 25.95 -1.08 5.70
CA VAL A 140 24.57 -0.65 5.82
C VAL A 140 24.41 0.35 6.98
N THR A 141 23.60 1.37 6.74
CA THR A 141 23.33 2.38 7.76
C THR A 141 21.85 2.74 7.77
N VAL A 142 21.48 3.69 8.62
CA VAL A 142 20.11 4.19 8.68
C VAL A 142 20.13 5.70 8.69
N GLU A 143 19.45 6.32 7.73
CA GLU A 143 19.44 7.77 7.62
C GLU A 143 18.58 8.37 8.73
N ARG A 144 18.85 9.61 9.13
CA ARG A 144 18.05 10.29 10.14
C ARG A 144 16.61 10.41 9.63
N LYS A 145 15.66 10.56 10.55
CA LYS A 145 14.24 10.47 10.21
C LYS A 145 13.82 11.41 9.07
N ARG A 146 13.38 10.82 7.96
CA ARG A 146 12.88 11.56 6.81
C ARG A 146 11.73 12.48 7.21
N GLY A 148 7.89 14.25 6.56
CA GLY A 148 8.19 13.39 7.68
C GLY A 148 7.65 11.98 7.51
N SER A 149 8.45 10.98 7.85
CA SER A 149 8.06 9.58 7.70
C SER A 149 8.25 8.77 8.98
N PRO A 150 7.34 7.81 9.23
CA PRO A 150 7.45 6.87 10.36
C PRO A 150 8.58 5.88 10.18
N ALA A 151 8.87 5.53 8.93
CA ALA A 151 9.80 4.47 8.62
C ALA A 151 11.21 4.70 9.15
N VAL A 152 11.78 3.65 9.70
CA VAL A 152 13.22 3.63 9.93
C VAL A 152 13.82 3.09 8.64
N THR A 153 14.45 3.99 7.88
CA THR A 153 14.96 3.67 6.56
C THR A 153 16.41 3.19 6.61
N LEU A 154 16.70 2.09 5.92
CA LEU A 154 18.07 1.58 5.88
C LEU A 154 18.80 1.98 4.59
N LEU A 155 20.06 2.38 4.75
CA LEU A 155 20.91 2.72 3.61
C LEU A 155 21.95 1.62 3.38
N ILE A 156 21.78 0.86 2.30
CA ILE A 156 22.69 -0.23 1.97
C ILE A 156 23.79 0.23 1.00
N SER A 157 25.03 0.24 1.47
CA SER A 157 26.16 0.68 0.65
C SER A 157 26.59 -0.38 -0.36
N LYS A 158 26.97 -1.55 0.13
CA LYS A 158 27.46 -2.61 -0.74
C LYS A 158 26.79 -3.98 -0.46
N PRO A 159 26.70 -4.85 -1.49
CA PRO A 159 27.13 -4.70 -2.89
C PRO A 159 26.52 -3.51 -3.63
N LYS A 160 25.21 -3.52 -3.83
CA LYS A 160 24.57 -2.42 -4.54
C LYS A 160 24.05 -1.34 -3.59
N GLU A 161 23.60 -0.23 -4.15
CA GLU A 161 23.04 0.85 -3.34
C GLU A 161 21.54 0.65 -3.18
N ILE A 162 21.10 0.51 -1.93
CA ILE A 162 19.69 0.24 -1.65
C ILE A 162 19.15 1.08 -0.50
N SER A 163 17.96 1.64 -0.71
CA SER A 163 17.19 2.21 0.38
C SER A 163 16.09 1.21 0.71
N VAL A 164 16.01 0.80 1.97
CA VAL A 164 14.89 0.00 2.43
C VAL A 164 14.24 0.59 3.68
N ASP A 165 12.96 0.95 3.55
CA ASP A 165 12.23 1.54 4.66
C ASP A 165 11.53 0.45 5.47
N ILE A 166 11.79 0.42 6.77
CA ILE A 166 11.15 -0.54 7.65
C ILE A 166 9.92 0.08 8.32
N ILE A 167 8.75 -0.51 8.05
CA ILE A 167 7.50 0.01 8.59
C ILE A 167 7.01 -0.88 9.72
N LEU A 168 6.89 -0.31 10.93
CA LEU A 168 6.34 -1.05 12.06
C LEU A 168 4.83 -1.14 11.88
N ALA A 169 4.26 -2.32 12.10
CA ALA A 169 2.81 -2.46 12.09
C ALA A 169 2.34 -3.24 13.31
N LEU A 170 1.17 -2.87 13.82
CA LEU A 170 0.50 -3.66 14.83
C LEU A 170 -0.42 -4.61 14.12
N GLU A 171 -0.45 -5.86 14.58
CA GLU A 171 -1.37 -6.83 14.02
C GLU A 171 -2.46 -7.09 15.05
N SER A 172 -3.72 -7.03 14.61
CA SER A 172 -4.85 -7.35 15.47
C SER A 172 -5.61 -8.51 14.85
N LYS A 173 -6.01 -9.50 15.66
CA LYS A 173 -6.77 -10.62 15.12
C LYS A 173 -8.26 -10.50 15.47
N SER A 174 -8.65 -9.32 15.92
CA SER A 174 -10.06 -9.06 16.22
C SER A 174 -10.79 -8.77 14.92
N SER A 175 -12.12 -8.70 14.97
CA SER A 175 -12.92 -8.34 13.81
C SER A 175 -12.50 -6.97 13.29
N TRP A 176 -12.64 -6.76 11.99
CA TRP A 176 -12.23 -5.49 11.37
C TRP A 176 -13.09 -4.38 11.95
N PRO A 177 -12.54 -3.14 12.02
CA PRO A 177 -13.28 -2.00 12.60
C PRO A 177 -14.57 -1.69 11.83
N ALA A 178 -15.54 -1.09 12.52
CA ALA A 178 -16.86 -0.77 11.96
C ALA A 178 -16.80 -0.01 10.64
N SER A 179 -15.78 0.84 10.49
CA SER A 179 -15.67 1.70 9.31
C SER A 179 -15.49 0.87 8.05
N THR A 180 -15.06 -0.37 8.21
CA THR A 180 -14.78 -1.23 7.04
C THR A 180 -16.00 -2.03 6.65
N GLN A 181 -17.12 -1.77 7.33
CA GLN A 181 -18.31 -2.62 7.21
C GLN A 181 -18.79 -2.81 5.77
N LYS A 182 -18.88 -1.73 5.01
CA LYS A 182 -19.35 -1.84 3.62
C LYS A 182 -18.19 -1.97 2.63
N GLY A 183 -16.98 -2.13 3.16
CA GLY A 183 -15.78 -2.18 2.33
C GLY A 183 -15.63 -3.55 1.68
N LEU A 184 -14.64 -3.69 0.81
CA LEU A 184 -14.38 -4.95 0.11
C LEU A 184 -15.60 -5.48 -0.67
N PRO A 185 -16.13 -4.67 -1.61
CA PRO A 185 -17.35 -5.04 -2.34
C PRO A 185 -17.06 -6.05 -3.44
N ILE A 186 -16.66 -7.25 -3.05
CA ILE A 186 -16.21 -8.24 -4.03
C ILE A 186 -17.19 -9.42 -4.22
N SER A 187 -18.39 -9.34 -3.63
CA SER A 187 -19.33 -10.46 -3.67
C SER A 187 -19.74 -10.94 -5.06
N GLN A 188 -19.85 -10.04 -6.01
CA GLN A 188 -20.19 -10.41 -7.36
C GLN A 188 -19.01 -10.83 -8.16
N TRP A 189 -17.83 -10.52 -7.68
CA TRP A 189 -16.59 -10.75 -8.39
C TRP A 189 -15.89 -11.99 -7.86
N LEU A 190 -15.33 -11.92 -6.68
CA LEU A 190 -14.63 -13.08 -6.11
C LEU A 190 -15.54 -13.91 -5.21
N GLY A 191 -16.66 -13.33 -4.80
CA GLY A 191 -17.69 -14.12 -4.12
C GLY A 191 -17.76 -13.98 -2.62
N ALA A 192 -18.87 -14.45 -2.06
CA ALA A 192 -19.15 -14.26 -0.64
C ALA A 192 -18.22 -15.09 0.22
N LYS A 193 -17.92 -16.34 -0.18
CA LYS A 193 -17.02 -17.15 0.63
C LYS A 193 -15.62 -16.52 0.70
N VAL A 194 -15.15 -15.99 -0.41
CA VAL A 194 -13.83 -15.36 -0.40
C VAL A 194 -13.91 -14.12 0.47
N LYS A 195 -14.99 -13.37 0.33
CA LYS A 195 -15.08 -12.14 1.12
C LYS A 195 -15.06 -12.49 2.59
N ASN A 196 -15.85 -13.49 2.98
N ASN A 196 -15.85 -13.49 2.97
CA ASN A 196 -15.95 -13.86 4.38
CA ASN A 196 -15.96 -13.89 4.37
C ASN A 196 -14.61 -14.32 4.93
C ASN A 196 -14.62 -14.34 4.93
N ASN A 197 -13.88 -15.10 4.13
CA ASN A 197 -12.58 -15.57 4.55
C ASN A 197 -11.55 -14.46 4.66
N LEU A 198 -11.61 -13.49 3.75
CA LEU A 198 -10.66 -12.38 3.83
C LEU A 198 -10.90 -11.59 5.11
N LYS A 199 -12.18 -11.40 5.46
CA LYS A 199 -12.51 -10.56 6.61
C LYS A 199 -12.25 -11.24 7.95
N ARG A 200 -11.96 -12.55 7.90
CA ARG A 200 -11.55 -13.31 9.08
C ARG A 200 -10.06 -13.17 9.30
N GLN A 201 -9.36 -12.62 8.31
CA GLN A 201 -7.92 -12.41 8.44
C GLN A 201 -7.66 -11.27 9.40
N PRO A 202 -6.46 -11.23 9.98
CA PRO A 202 -6.16 -10.09 10.85
C PRO A 202 -6.09 -8.79 10.05
N PHE A 203 -6.11 -7.65 10.74
CA PHE A 203 -5.82 -6.39 10.08
C PHE A 203 -4.61 -5.75 10.73
N TYR A 204 -4.03 -4.76 10.06
CA TYR A 204 -2.80 -4.14 10.54
C TYR A 204 -2.99 -2.65 10.77
N LEU A 205 -2.18 -2.09 11.66
CA LEU A 205 -2.20 -0.66 11.95
C LEU A 205 -0.78 -0.13 11.81
N VAL A 206 -0.65 0.97 11.07
CA VAL A 206 0.67 1.49 10.69
C VAL A 206 0.75 2.96 11.14
N PRO A 207 1.90 3.37 11.73
CA PRO A 207 1.93 4.75 12.21
C PRO A 207 2.13 5.69 11.05
N LYS A 208 1.10 5.91 10.26
CA LYS A 208 1.19 6.85 9.16
C LYS A 208 0.25 8.02 9.39
N HIS A 209 0.80 9.23 9.33
CA HIS A 209 0.03 10.46 9.52
C HIS A 209 0.55 11.49 8.52
N ALA A 210 -0.24 12.54 8.26
CA ALA A 210 0.18 13.59 7.33
C ALA A 210 1.39 14.37 7.84
N LYS A 211 2.15 14.96 6.93
CA LYS A 211 3.30 15.80 7.29
C LYS A 211 2.86 16.89 8.26
N GLU A 212 2.00 17.79 7.79
CA GLU A 212 1.33 18.73 8.68
C GLU A 212 0.42 17.92 9.58
N GLY A 213 0.09 18.47 10.75
CA GLY A 213 -0.79 17.77 11.66
C GLY A 213 -0.50 18.01 13.13
N SER A 214 -1.52 17.83 13.95
CA SER A 214 -1.39 18.04 15.39
C SER A 214 -0.60 16.92 16.02
N GLY A 215 -0.24 17.10 17.29
CA GLY A 215 0.43 16.07 18.05
C GLY A 215 -0.54 14.95 18.33
N PHE A 216 -1.83 15.25 18.24
CA PHE A 216 -2.84 14.22 18.39
C PHE A 216 -2.76 13.26 17.21
N GLN A 217 -2.68 13.82 16.01
CA GLN A 217 -2.61 13.00 14.80
C GLN A 217 -1.36 12.13 14.82
N GLU A 218 -0.25 12.69 15.32
CA GLU A 218 1.05 12.00 15.39
C GLU A 218 1.00 10.72 16.23
N GLU A 219 -0.05 10.56 17.03
CA GLU A 219 -0.19 9.40 17.90
C GLU A 219 -1.22 8.44 17.35
N THR A 220 -1.69 8.69 16.13
CA THR A 220 -2.72 7.84 15.52
C THR A 220 -2.13 6.74 14.64
N TRP A 221 -2.95 5.73 14.35
CA TRP A 221 -2.54 4.65 13.46
C TRP A 221 -3.59 4.53 12.36
N ARG A 222 -3.16 4.19 11.15
CA ARG A 222 -4.14 3.93 10.09
C ARG A 222 -4.22 2.46 9.69
N LEU A 223 -5.41 2.03 9.29
CA LEU A 223 -5.66 0.66 8.88
C LEU A 223 -4.84 0.33 7.64
N SER A 224 -4.30 -0.89 7.59
CA SER A 224 -3.55 -1.32 6.41
C SER A 224 -4.03 -2.70 5.96
N PHE A 225 -4.34 -2.82 4.68
CA PHE A 225 -4.89 -4.07 4.14
C PHE A 225 -4.07 -4.56 2.94
N SER A 226 -2.80 -4.17 2.93
CA SER A 226 -1.86 -4.56 1.88
C SER A 226 -1.86 -6.07 1.63
N HIS A 227 -2.06 -6.85 2.68
CA HIS A 227 -2.03 -8.31 2.54
C HIS A 227 -3.32 -8.81 1.86
N ILE A 228 -4.43 -8.13 2.10
CA ILE A 228 -5.66 -8.49 1.41
C ILE A 228 -5.52 -8.09 -0.06
N GLU A 229 -4.98 -6.89 -0.31
CA GLU A 229 -4.76 -6.45 -1.68
C GLU A 229 -3.90 -7.41 -2.47
N LYS A 230 -2.80 -7.85 -1.86
CA LYS A 230 -1.91 -8.82 -2.53
C LYS A 230 -2.65 -10.10 -2.87
N ASP A 231 -3.48 -10.57 -1.94
CA ASP A 231 -4.24 -11.80 -2.15
C ASP A 231 -5.19 -11.67 -3.33
N ILE A 232 -5.92 -10.56 -3.36
CA ILE A 232 -6.88 -10.31 -4.42
C ILE A 232 -6.20 -10.19 -5.80
N LEU A 233 -5.06 -9.50 -5.88
CA LEU A 233 -4.35 -9.37 -7.16
C LEU A 233 -3.84 -10.72 -7.66
N LYS A 234 -3.29 -11.51 -6.74
CA LYS A 234 -2.78 -12.83 -7.07
C LYS A 234 -3.91 -13.84 -7.37
N ASN A 235 -5.04 -13.69 -6.72
CA ASN A 235 -6.21 -14.54 -6.98
C ASN A 235 -7.38 -13.72 -7.49
N HIS A 236 -7.26 -13.24 -8.74
CA HIS A 236 -8.05 -12.10 -9.23
C HIS A 236 -9.19 -12.47 -10.14
N GLY A 237 -9.33 -13.75 -10.49
CA GLY A 237 -10.37 -14.13 -11.43
C GLY A 237 -11.62 -14.62 -10.72
N GLN A 238 -12.78 -14.44 -11.36
CA GLN A 238 -14.01 -15.06 -10.91
C GLN A 238 -13.87 -16.57 -11.12
N SER A 239 -13.33 -16.98 -12.25
CA SER A 239 -13.00 -18.40 -12.41
C SER A 239 -11.69 -18.72 -11.72
N LYS A 240 -11.62 -19.91 -11.13
CA LYS A 240 -10.41 -20.32 -10.45
C LYS A 240 -9.30 -20.59 -11.45
N THR A 241 -9.64 -20.78 -12.72
CA THR A 241 -8.62 -21.09 -13.72
C THR A 241 -8.15 -19.83 -14.47
N CYS A 242 -8.65 -18.66 -14.07
CA CYS A 242 -8.28 -17.39 -14.73
C CYS A 242 -6.76 -17.24 -14.83
N CYS A 243 -6.27 -17.05 -16.05
CA CYS A 243 -4.84 -16.86 -16.30
C CYS A 243 -3.96 -18.09 -16.01
N GLU A 244 -4.57 -19.26 -15.77
CA GLU A 244 -3.79 -20.50 -15.59
C GLU A 244 -3.65 -21.23 -16.93
N ILE A 245 -2.80 -22.25 -17.00
CA ILE A 245 -2.65 -22.96 -18.29
C ILE A 245 -3.92 -23.64 -18.80
N ASP A 246 -4.71 -24.24 -17.91
CA ASP A 246 -5.98 -24.84 -18.32
C ASP A 246 -7.15 -23.87 -18.22
N GLY A 247 -6.83 -22.57 -18.27
CA GLY A 247 -7.85 -21.54 -18.26
C GLY A 247 -7.64 -20.57 -19.41
N VAL A 248 -8.29 -19.42 -19.33
CA VAL A 248 -8.12 -18.40 -20.35
C VAL A 248 -7.52 -17.15 -19.71
N LYS A 249 -6.72 -16.41 -20.47
CA LYS A 249 -5.98 -15.26 -19.98
C LYS A 249 -6.88 -14.03 -19.88
N CYS A 250 -6.85 -13.32 -18.74
CA CYS A 250 -7.50 -12.00 -18.67
C CYS A 250 -6.45 -10.91 -18.70
N CYS A 251 -6.89 -9.65 -18.80
CA CYS A 251 -5.94 -8.54 -18.78
C CYS A 251 -6.02 -7.67 -17.51
N ARG A 252 -6.56 -8.19 -16.40
CA ARG A 252 -6.67 -7.36 -15.18
C ARG A 252 -5.30 -6.86 -14.68
N LYS A 253 -4.36 -7.78 -14.55
CA LYS A 253 -3.05 -7.40 -14.00
C LYS A 253 -2.32 -6.44 -14.96
N GLU A 254 -2.54 -6.63 -16.26
CA GLU A 254 -1.87 -5.80 -17.25
C GLU A 254 -2.43 -4.36 -17.17
N CYS A 255 -3.73 -4.25 -16.95
CA CYS A 255 -4.36 -2.93 -16.84
C CYS A 255 -3.85 -2.16 -15.62
N LEU A 256 -3.70 -2.85 -14.50
CA LEU A 256 -3.18 -2.22 -13.27
C LEU A 256 -1.75 -1.75 -13.47
N LYS A 257 -0.90 -2.62 -14.03
CA LYS A 257 0.49 -2.24 -14.35
C LYS A 257 0.56 -1.00 -15.22
N LEU A 258 -0.23 -0.98 -16.29
CA LEU A 258 -0.26 0.16 -17.20
C LEU A 258 -0.73 1.46 -16.52
N MET A 259 -1.76 1.35 -15.67
CA MET A 259 -2.25 2.51 -14.90
CA MET A 259 -2.26 2.51 -14.89
C MET A 259 -1.16 3.07 -13.99
N LYS A 260 -0.46 2.18 -13.30
CA LYS A 260 0.65 2.59 -12.44
C LYS A 260 1.75 3.23 -13.27
N TYR A 261 2.04 2.62 -14.42
CA TYR A 261 3.10 3.13 -15.28
C TYR A 261 2.76 4.52 -15.85
N LEU A 262 1.48 4.71 -16.20
CA LEU A 262 1.03 6.01 -16.71
C LEU A 262 1.24 7.10 -15.68
N LEU A 263 0.80 6.83 -14.45
CA LEU A 263 1.00 7.81 -13.38
C LEU A 263 2.47 8.09 -13.12
N GLU A 264 3.31 7.06 -13.08
CA GLU A 264 4.72 7.33 -12.79
C GLU A 264 5.43 8.10 -13.90
N GLN A 265 5.19 7.72 -15.14
CA GLN A 265 5.72 8.47 -16.29
C GLN A 265 5.22 9.92 -16.28
N LEU A 266 3.98 10.15 -15.87
CA LEU A 266 3.48 11.52 -15.80
C LEU A 266 4.13 12.27 -14.65
N LYS A 267 4.25 11.63 -13.49
CA LYS A 267 4.86 12.29 -12.32
C LYS A 267 6.31 12.69 -12.63
N LYS A 268 6.98 11.89 -13.44
CA LYS A 268 8.36 12.19 -13.77
C LYS A 268 8.47 13.28 -14.85
N LYS A 269 7.54 13.25 -15.81
CA LYS A 269 7.51 14.27 -16.85
C LYS A 269 7.29 15.66 -16.27
N PHE A 270 6.51 15.72 -15.18
CA PHE A 270 6.13 16.97 -14.55
C PHE A 270 6.62 17.08 -13.11
N GLY A 271 7.83 16.59 -12.83
CA GLY A 271 8.35 16.63 -11.47
C GLY A 271 8.75 18.02 -10.99
N ASN A 272 8.63 19.01 -11.88
CA ASN A 272 9.04 20.39 -11.58
C ASN A 272 7.91 21.24 -11.00
N ARG A 273 6.72 20.66 -10.93
CA ARG A 273 5.58 21.37 -10.34
C ARG A 273 4.87 20.52 -9.29
N ARG A 274 4.02 21.17 -8.50
CA ARG A 274 3.48 20.55 -7.28
C ARG A 274 2.25 19.69 -7.52
N GLU A 275 1.62 19.84 -8.68
CA GLU A 275 0.27 19.30 -8.86
C GLU A 275 0.19 17.78 -8.81
N LEU A 276 1.29 17.10 -9.13
CA LEU A 276 1.27 15.63 -9.18
C LEU A 276 1.90 14.98 -7.95
N ALA A 277 2.43 15.82 -7.06
CA ALA A 277 3.17 15.30 -5.89
C ALA A 277 2.33 14.42 -4.99
N LYS A 278 1.02 14.69 -4.87
CA LYS A 278 0.22 13.93 -3.91
C LYS A 278 -0.43 12.68 -4.48
N PHE A 279 -0.33 12.45 -5.78
CA PHE A 279 -0.91 11.22 -6.34
C PHE A 279 0.10 10.10 -6.19
N CYS A 280 -0.39 8.87 -6.01
CA CYS A 280 0.53 7.74 -5.92
C CYS A 280 -0.13 6.49 -6.46
N SER A 281 0.63 5.40 -6.53
N SER A 281 0.62 5.40 -6.53
CA SER A 281 0.12 4.16 -7.08
CA SER A 281 0.11 4.16 -7.10
C SER A 281 -1.11 3.66 -6.34
C SER A 281 -1.11 3.64 -6.35
N TYR A 282 -1.22 3.99 -5.06
CA TYR A 282 -2.37 3.52 -4.29
C TYR A 282 -3.67 4.10 -4.83
N HIS A 283 -3.63 5.31 -5.38
CA HIS A 283 -4.82 5.89 -6.02
C HIS A 283 -5.26 5.08 -7.25
N VAL A 284 -4.32 4.70 -8.12
CA VAL A 284 -4.74 3.97 -9.32
C VAL A 284 -5.15 2.55 -8.95
N LYS A 285 -4.46 1.97 -7.97
CA LYS A 285 -4.80 0.61 -7.51
C LYS A 285 -6.21 0.63 -6.95
N THR A 286 -6.52 1.68 -6.18
CA THR A 286 -7.87 1.83 -5.62
C THR A 286 -8.93 1.95 -6.73
N ALA A 287 -8.70 2.85 -7.68
CA ALA A 287 -9.58 2.98 -8.84
C ALA A 287 -9.70 1.64 -9.58
N PHE A 288 -8.60 0.93 -9.72
CA PHE A 288 -8.62 -0.35 -10.44
C PHE A 288 -9.55 -1.36 -9.74
N PHE A 289 -9.46 -1.45 -8.43
CA PHE A 289 -10.33 -2.35 -7.67
C PHE A 289 -11.81 -2.03 -7.88
N HIS A 290 -12.15 -0.73 -7.92
CA HIS A 290 -13.53 -0.34 -8.20
C HIS A 290 -13.96 -0.76 -9.59
N VAL A 291 -13.04 -0.72 -10.55
CA VAL A 291 -13.38 -1.19 -11.90
C VAL A 291 -13.64 -2.70 -11.88
N CYS A 292 -12.85 -3.45 -11.12
CA CYS A 292 -13.10 -4.90 -10.99
C CYS A 292 -14.49 -5.19 -10.39
N THR A 293 -14.95 -4.33 -9.49
CA THR A 293 -16.27 -4.48 -8.93
C THR A 293 -17.36 -4.16 -9.97
N GLN A 294 -17.18 -3.08 -10.75
CA GLN A 294 -18.15 -2.74 -11.80
C GLN A 294 -18.23 -3.81 -12.87
N ASP A 295 -17.08 -4.40 -13.19
CA ASP A 295 -16.99 -5.46 -14.20
C ASP A 295 -16.44 -6.75 -13.58
N PRO A 296 -17.33 -7.51 -12.93
CA PRO A 296 -16.87 -8.64 -12.10
C PRO A 296 -16.56 -9.90 -12.88
N HIS A 297 -16.95 -9.96 -14.15
CA HIS A 297 -16.85 -11.25 -14.89
C HIS A 297 -15.54 -11.36 -15.69
N ASP A 298 -14.95 -12.55 -15.73
CA ASP A 298 -13.70 -12.74 -16.48
C ASP A 298 -13.85 -12.40 -17.96
N ASN A 299 -15.04 -12.62 -18.51
CA ASN A 299 -15.22 -12.34 -19.95
C ASN A 299 -15.27 -10.84 -20.27
N GLN A 300 -15.26 -10.00 -19.23
CA GLN A 300 -15.20 -8.55 -19.42
C GLN A 300 -13.75 -8.11 -19.47
N TRP A 301 -12.83 -9.07 -19.29
CA TRP A 301 -11.41 -8.77 -19.23
C TRP A 301 -10.55 -9.69 -20.13
N HIS A 302 -11.10 -10.17 -21.24
CA HIS A 302 -10.33 -10.99 -22.18
C HIS A 302 -9.02 -10.30 -22.53
N LEU A 303 -7.92 -11.04 -22.52
CA LEU A 303 -6.62 -10.44 -22.85
C LEU A 303 -6.61 -9.74 -24.21
N LYS A 304 -7.40 -10.26 -25.16
CA LYS A 304 -7.45 -9.68 -26.50
C LYS A 304 -8.10 -8.30 -26.50
N ASN A 305 -8.89 -8.01 -25.48
CA ASN A 305 -9.52 -6.70 -25.38
C ASN A 305 -8.78 -5.77 -24.43
N LEU A 306 -7.48 -6.01 -24.27
CA LEU A 306 -6.62 -5.21 -23.40
C LEU A 306 -6.80 -3.70 -23.60
N GLU A 307 -6.86 -3.26 -24.86
CA GLU A 307 -6.97 -1.83 -25.14
C GLU A 307 -8.26 -1.23 -24.61
N CYS A 308 -9.38 -1.92 -24.83
CA CYS A 308 -10.66 -1.40 -24.37
C CYS A 308 -10.74 -1.44 -22.86
N CYS A 309 -10.11 -2.45 -22.25
CA CYS A 309 -10.12 -2.55 -20.80
C CYS A 309 -9.25 -1.47 -20.18
N PHE A 310 -8.09 -1.22 -20.76
CA PHE A 310 -7.23 -0.15 -20.27
C PHE A 310 -7.95 1.18 -20.40
N ASP A 311 -8.61 1.37 -21.53
CA ASP A 311 -9.32 2.63 -21.79
C ASP A 311 -10.41 2.82 -20.75
N ASN A 312 -11.09 1.74 -20.41
CA ASN A 312 -12.14 1.78 -19.40
C ASN A 312 -11.58 2.16 -18.03
N CYS A 313 -10.44 1.58 -17.66
CA CYS A 313 -9.79 1.94 -16.40
C CYS A 313 -9.38 3.40 -16.39
N VAL A 314 -8.86 3.88 -17.52
CA VAL A 314 -8.45 5.29 -17.59
C VAL A 314 -9.64 6.24 -17.48
N ALA A 315 -10.73 5.91 -18.16
CA ALA A 315 -11.94 6.74 -18.12
C ALA A 315 -12.50 6.76 -16.70
N TYR A 316 -12.54 5.59 -16.04
CA TYR A 316 -13.01 5.58 -14.66
C TYR A 316 -12.14 6.48 -13.78
N PHE A 317 -10.82 6.38 -13.92
CA PHE A 317 -9.93 7.25 -13.15
C PHE A 317 -10.17 8.74 -13.42
N LEU A 318 -10.41 9.10 -14.69
CA LEU A 318 -10.74 10.48 -15.07
C LEU A 318 -12.02 10.93 -14.37
N GLN A 319 -13.02 10.05 -14.34
CA GLN A 319 -14.29 10.37 -13.68
C GLN A 319 -14.07 10.58 -12.18
N CYS A 320 -13.20 9.76 -11.60
CA CYS A 320 -12.80 9.98 -10.21
C CYS A 320 -12.17 11.36 -10.00
N LEU A 321 -11.21 11.75 -10.87
CA LEU A 321 -10.57 13.06 -10.72
C LEU A 321 -11.57 14.23 -10.83
N LYS A 322 -12.43 14.17 -11.83
CA LYS A 322 -13.37 15.25 -12.14
C LYS A 322 -14.37 15.41 -10.99
N THR A 323 -14.94 14.31 -10.54
CA THR A 323 -15.95 14.33 -9.47
C THR A 323 -15.32 14.36 -8.09
N GLU A 324 -13.98 14.35 -8.01
CA GLU A 324 -13.29 14.34 -6.72
C GLU A 324 -13.80 13.24 -5.80
N GLN A 325 -13.99 12.06 -6.37
CA GLN A 325 -14.51 10.93 -5.58
C GLN A 325 -13.68 9.67 -5.87
N LEU A 326 -13.00 9.17 -4.84
CA LEU A 326 -12.26 7.90 -4.94
C LEU A 326 -12.24 7.24 -3.56
N ALA A 327 -13.24 6.40 -3.29
CA ALA A 327 -13.44 5.84 -1.95
C ALA A 327 -12.40 4.76 -1.71
N ASN A 328 -11.81 4.76 -0.52
CA ASN A 328 -10.97 3.63 -0.10
C ASN A 328 -11.78 2.35 -0.27
N TYR A 329 -11.18 1.33 -0.89
CA TYR A 329 -11.90 0.11 -1.23
C TYR A 329 -12.31 -0.65 0.02
N PHE A 330 -11.58 -0.44 1.10
CA PHE A 330 -11.84 -1.18 2.34
C PHE A 330 -12.64 -0.35 3.34
N ILE A 331 -12.56 0.98 3.19
CA ILE A 331 -13.16 1.95 4.12
C ILE A 331 -13.91 3.01 3.27
N PRO A 332 -15.16 2.70 2.88
CA PRO A 332 -15.89 3.49 1.87
C PRO A 332 -16.11 4.93 2.30
N GLY A 333 -16.17 5.18 3.61
CA GLY A 333 -16.35 6.54 4.13
C GLY A 333 -15.14 7.42 3.91
N VAL A 334 -14.01 6.81 3.49
CA VAL A 334 -12.78 7.58 3.27
C VAL A 334 -12.59 7.91 1.80
N ASN A 335 -12.66 9.19 1.47
CA ASN A 335 -12.53 9.66 0.09
C ASN A 335 -11.12 10.13 -0.17
N LEU A 336 -10.34 9.31 -0.88
CA LEU A 336 -8.94 9.62 -1.14
C LEU A 336 -8.78 10.90 -1.97
N PHE A 337 -9.83 11.28 -2.71
CA PHE A 337 -9.74 12.47 -3.58
C PHE A 337 -10.49 13.69 -3.01
N SER A 338 -10.83 13.63 -1.71
CA SER A 338 -11.51 14.77 -1.07
C SER A 338 -10.69 16.06 -1.19
N ARG A 339 -11.36 17.20 -1.27
CA ARG A 339 -10.63 18.44 -1.39
C ARG A 339 -9.82 18.75 -0.13
N ASP A 340 -10.16 18.10 0.98
CA ASP A 340 -9.30 18.13 2.17
C ASP A 340 -7.87 17.65 1.88
N LEU A 341 -7.73 16.61 1.03
CA LEU A 341 -6.45 15.95 0.82
C LEU A 341 -5.68 16.43 -0.42
N ILE A 342 -6.40 16.68 -1.51
CA ILE A 342 -5.78 17.13 -2.75
C ILE A 342 -6.62 18.27 -3.30
N ASP A 343 -6.00 19.43 -3.54
CA ASP A 343 -6.75 20.59 -4.02
C ASP A 343 -7.28 20.41 -5.45
N LYS A 344 -8.35 21.13 -5.78
CA LYS A 344 -8.95 21.08 -7.13
C LYS A 344 -7.97 21.25 -8.30
N PRO A 345 -7.08 22.27 -8.25
CA PRO A 345 -6.21 22.48 -9.41
C PRO A 345 -5.30 21.28 -9.67
N SER A 346 -4.91 20.56 -8.61
CA SER A 346 -4.04 19.39 -8.79
C SER A 346 -4.73 18.29 -9.60
N LYS A 347 -5.98 18.01 -9.23
CA LYS A 347 -6.76 17.01 -9.94
C LYS A 347 -7.07 17.47 -11.36
N GLU A 348 -7.41 18.75 -11.53
CA GLU A 348 -7.59 19.33 -12.87
C GLU A 348 -6.34 19.15 -13.74
N PHE A 349 -5.17 19.42 -13.17
CA PHE A 349 -3.94 19.24 -13.92
C PHE A 349 -3.74 17.81 -14.37
N LEU A 350 -3.91 16.86 -13.44
CA LEU A 350 -3.72 15.46 -13.79
C LEU A 350 -4.77 15.04 -14.82
N SER A 351 -6.00 15.51 -14.62
CA SER A 351 -7.09 15.23 -15.58
C SER A 351 -6.71 15.65 -17.00
N LYS A 352 -6.20 16.88 -17.14
CA LYS A 352 -5.81 17.40 -18.44
C LYS A 352 -4.71 16.55 -19.08
N GLN A 353 -3.70 16.19 -18.29
CA GLN A 353 -2.62 15.36 -18.84
C GLN A 353 -3.11 13.97 -19.26
N ILE A 354 -3.99 13.36 -18.47
CA ILE A 354 -4.47 12.02 -18.80
C ILE A 354 -5.35 12.04 -20.04
N GLU A 355 -6.20 13.06 -20.15
CA GLU A 355 -7.04 13.22 -21.35
C GLU A 355 -6.15 13.38 -22.58
N TYR A 356 -5.10 14.19 -22.45
CA TYR A 356 -4.17 14.42 -23.56
C TYR A 356 -3.50 13.11 -23.97
N GLU A 357 -2.97 12.39 -22.99
CA GLU A 357 -2.31 11.11 -23.27
C GLU A 357 -3.29 10.18 -23.96
N ARG A 358 -4.49 10.06 -23.40
CA ARG A 358 -5.48 9.16 -23.99
C ARG A 358 -5.85 9.54 -25.42
N ASN A 359 -5.99 10.83 -25.68
CA ASN A 359 -6.35 11.29 -27.02
C ASN A 359 -5.23 11.07 -28.03
N ASN A 360 -3.99 10.99 -27.55
CA ASN A 360 -2.86 10.82 -28.44
C ASN A 360 -2.18 9.45 -28.39
N GLY A 361 -2.87 8.44 -27.89
CA GLY A 361 -2.31 7.09 -27.83
C GLY A 361 -1.16 6.92 -26.84
N PHE A 362 -1.18 7.69 -25.76
CA PHE A 362 -0.21 7.55 -24.67
C PHE A 362 1.27 7.70 -25.05
N PRO A 363 1.65 8.88 -25.62
CA PRO A 363 3.06 9.14 -25.96
C PRO A 363 3.98 9.09 -24.76
N VAL A 364 3.49 9.41 -23.57
CA VAL A 364 4.34 9.35 -22.37
C VAL A 364 4.86 7.93 -22.07
N PHE A 365 4.34 6.92 -22.77
CA PHE A 365 4.81 5.54 -22.61
C PHE A 365 6.07 5.25 -23.43
N TRP A 366 6.40 6.16 -24.34
CA TRP A 366 7.41 5.89 -25.36
C TRP A 366 8.64 6.79 -25.26
ZN ZN B . -6.72 -13.49 -14.96
C1 MLI C . -13.60 0.48 15.90
C2 MLI C . -14.11 -0.92 15.82
C3 MLI C . -14.56 1.61 16.15
O6 MLI C . -13.34 -1.91 16.07
O7 MLI C . -15.31 -1.14 15.48
O8 MLI C . -15.60 1.72 15.43
O9 MLI C . -14.33 2.47 17.05
C1 GOL D . 26.15 -15.50 9.36
O1 GOL D . 25.30 -16.57 9.06
C2 GOL D . 25.55 -14.10 9.36
O2 GOL D . 24.18 -14.09 9.61
C3 GOL D . 26.32 -13.04 10.13
O3 GOL D . 25.85 -11.72 10.04
C1 MLI E . -7.06 11.05 26.19
C2 MLI E . -7.89 9.92 25.67
C3 MLI E . -7.56 12.45 26.07
O6 MLI E . -7.56 9.32 24.61
O7 MLI E . -8.93 9.56 26.29
O8 MLI E . -7.01 13.25 25.25
O9 MLI E . -8.53 12.85 26.78
O1 PG4 F . -13.82 17.59 0.24
C1 PG4 F . -14.44 16.83 -0.74
C2 PG4 F . -15.59 15.94 -0.23
O2 PG4 F . -15.56 14.58 -0.52
C3 PG4 F . -15.82 13.70 0.52
C4 PG4 F . -15.07 13.93 1.78
O3 PG4 F . -15.38 13.08 2.83
C5 PG4 F . -15.07 11.69 2.73
C6 PG4 F . -13.96 11.21 3.65
O4 PG4 F . -12.63 11.48 3.37
C7 PG4 F . -11.67 11.42 4.39
C8 PG4 F . -11.85 10.51 5.53
O5 PG4 F . -13.01 10.59 6.35
C1 MLI G . -13.30 21.23 1.33
C2 MLI G . -13.97 20.53 2.47
C3 MLI G . -12.07 21.93 1.81
O6 MLI G . -14.05 19.30 2.48
O7 MLI G . -14.46 21.20 3.36
O8 MLI G . -11.09 21.24 2.08
O9 MLI G . -12.04 23.14 1.93
O1 PG4 H . -18.34 1.49 -17.53
C1 PG4 H . -17.81 0.72 -18.56
C2 PG4 H . -18.38 -0.70 -18.77
O2 PG4 H . -17.98 -1.40 -19.89
C3 PG4 H . -16.95 -2.35 -19.79
C4 PG4 H . -15.60 -1.97 -20.31
O3 PG4 H . -14.78 -3.01 -20.78
C5 PG4 H . -14.57 -3.16 -22.18
C6 PG4 H . -13.71 -4.34 -22.64
O4 PG4 H . -14.30 -5.60 -22.60
C7 PG4 H . -13.49 -6.72 -22.74
C8 PG4 H . -14.11 -8.03 -22.83
O5 PG4 H . -13.27 -9.14 -22.58
#